data_8XSM
#
_entry.id   8XSM
#
_cell.length_a   1.00
_cell.length_b   1.00
_cell.length_c   1.00
_cell.angle_alpha   90.00
_cell.angle_beta   90.00
_cell.angle_gamma   90.00
#
_symmetry.space_group_name_H-M   'P 1'
#
loop_
_entity.id
_entity.type
_entity.pdbx_description
1 polymer 'Solute carrier family 52, riboflavin transporter, member 2'
2 non-polymer RIBOFLAVIN
#
_entity_poly.entity_id   1
_entity_poly.type   'polypeptide(L)'
_entity_poly.pdbx_seq_one_letter_code
;MAAPTPARPVLTHLLVALFGMGSWAAVNGIWVELPVVVKELPEGWSLPSYVSVLVALGNLGLLVVTLWRRLAPGKDEQVP
IRVVQVLGMVGTALLASLWHHVAPVAGQLHSVAFLALAFVLALACCASNVTFLPFLSHLPPRFLRSFFLGQGLSALLPCV
LALVQGVGRLECPPAPINGTPGPPLDFLERFPASTFFWALTALLVASAAAFQGLLLLLPPPPSVPTGELGSGLQVGAPGA
EEEVEESSPLQEPPSQAAGTTPGPDPKAYQLLSARSACLLGLLAATNALTNGVLPAVQSFSCLPYGRLAYHLAVVLGSAA
NPLACFLAMGVLCRSLAGLGGLSLLGVFCGGYLMALAVLSPCPPLVGTSAGVVLVVLSWVLCLGVFSYVKVAASSLLHGG
GRPALLAAGVAIQVGSLLGAVAMFPPTSIYHVFHSRKDCADPCDS
;
_entity_poly.pdbx_strand_id   A
#
loop_
_chem_comp.id
_chem_comp.type
_chem_comp.name
_chem_comp.formula
RBF non-polymer RIBOFLAVIN 'C17 H20 N4 O6'
#
# COMPACT_ATOMS: atom_id res chain seq x y z
N ALA A 7 13.44 9.65 26.70
CA ALA A 7 14.74 10.15 27.11
C ALA A 7 15.78 9.94 26.01
N ARG A 8 15.56 8.91 25.20
CA ARG A 8 16.43 8.57 24.07
C ARG A 8 15.64 8.70 22.78
N PRO A 9 15.55 9.89 22.19
CA PRO A 9 14.61 10.09 21.08
C PRO A 9 14.99 9.36 19.79
N VAL A 10 16.28 9.19 19.51
CA VAL A 10 16.67 8.54 18.26
C VAL A 10 16.27 7.08 18.26
N LEU A 11 16.43 6.41 19.40
CA LEU A 11 16.02 5.01 19.51
C LEU A 11 14.51 4.87 19.35
N THR A 12 13.75 5.79 19.93
CA THR A 12 12.30 5.77 19.77
C THR A 12 11.90 5.99 18.33
N HIS A 13 12.58 6.91 17.64
CA HIS A 13 12.32 7.12 16.21
C HIS A 13 12.58 5.85 15.41
N LEU A 14 13.71 5.19 15.66
CA LEU A 14 14.04 3.96 14.97
C LEU A 14 12.99 2.88 15.21
N LEU A 15 12.58 2.71 16.47
CA LEU A 15 11.65 1.64 16.82
C LEU A 15 10.26 1.89 16.24
N VAL A 16 9.79 3.13 16.27
CA VAL A 16 8.48 3.43 15.68
C VAL A 16 8.55 3.31 14.16
N ALA A 17 9.71 3.61 13.56
CA ALA A 17 9.86 3.43 12.12
C ALA A 17 9.76 1.96 11.73
N LEU A 18 10.44 1.08 12.47
CA LEU A 18 10.37 -0.35 12.15
C LEU A 18 8.97 -0.91 12.41
N PHE A 19 8.36 -0.51 13.54
CA PHE A 19 6.98 -0.88 13.84
C PHE A 19 6.05 -0.51 12.70
N GLY A 20 6.19 0.70 12.14
CA GLY A 20 5.34 1.09 11.03
C GLY A 20 5.73 0.40 9.74
N MET A 21 7.00 0.01 9.60
CA MET A 21 7.43 -0.68 8.38
C MET A 21 6.80 -2.05 8.28
N GLY A 22 6.61 -2.72 9.40
CA GLY A 22 6.01 -4.04 9.35
C GLY A 22 4.50 -4.04 9.17
N SER A 23 3.95 -3.05 8.46
CA SER A 23 2.51 -2.85 8.39
C SER A 23 1.90 -3.45 7.13
N TRP A 24 2.35 -2.99 5.95
CA TRP A 24 1.74 -3.37 4.67
C TRP A 24 2.72 -4.12 3.77
N ALA A 25 3.64 -4.88 4.37
CA ALA A 25 4.71 -5.49 3.58
C ALA A 25 4.23 -6.69 2.78
N ALA A 26 3.27 -7.46 3.30
CA ALA A 26 2.86 -8.69 2.64
C ALA A 26 2.14 -8.40 1.32
N VAL A 27 1.21 -7.46 1.33
CA VAL A 27 0.46 -7.12 0.12
C VAL A 27 1.37 -6.46 -0.90
N ASN A 28 2.20 -5.51 -0.44
CA ASN A 28 3.15 -4.82 -1.31
C ASN A 28 4.26 -5.74 -1.80
N GLY A 29 4.41 -6.94 -1.25
CA GLY A 29 5.34 -7.91 -1.77
C GLY A 29 4.69 -8.87 -2.74
N ILE A 30 3.46 -9.29 -2.43
CA ILE A 30 2.69 -10.12 -3.35
C ILE A 30 2.49 -9.40 -4.67
N TRP A 31 2.17 -8.10 -4.62
CA TRP A 31 1.93 -7.35 -5.85
C TRP A 31 3.17 -7.29 -6.73
N VAL A 32 4.34 -7.11 -6.14
CA VAL A 32 5.56 -7.00 -6.94
C VAL A 32 6.03 -8.37 -7.40
N GLU A 33 5.63 -9.43 -6.69
CA GLU A 33 6.02 -10.78 -7.07
C GLU A 33 5.08 -11.42 -8.09
N LEU A 34 3.90 -10.84 -8.31
CA LEU A 34 2.94 -11.39 -9.27
C LEU A 34 3.54 -11.91 -10.58
N PRO A 35 4.51 -11.24 -11.22
CA PRO A 35 5.02 -11.80 -12.50
C PRO A 35 5.70 -13.15 -12.37
N VAL A 36 6.41 -13.41 -11.26
CA VAL A 36 7.09 -14.70 -11.11
C VAL A 36 6.07 -15.81 -10.88
N VAL A 37 4.99 -15.49 -10.17
CA VAL A 37 3.98 -16.49 -9.84
C VAL A 37 3.07 -16.78 -11.03
N VAL A 38 2.73 -15.75 -11.81
CA VAL A 38 1.78 -15.89 -12.92
C VAL A 38 2.23 -16.96 -13.91
N LYS A 39 3.54 -17.14 -14.09
CA LYS A 39 4.04 -18.08 -15.08
C LYS A 39 3.63 -19.52 -14.80
N GLU A 40 3.25 -19.84 -13.56
CA GLU A 40 2.97 -21.22 -13.16
C GLU A 40 1.51 -21.46 -12.82
N LEU A 41 0.82 -20.48 -12.26
CA LEU A 41 -0.55 -20.68 -11.82
C LEU A 41 -1.48 -20.86 -13.02
N PRO A 42 -2.58 -21.60 -12.85
CA PRO A 42 -3.49 -21.83 -13.98
C PRO A 42 -4.39 -20.65 -14.31
N GLU A 43 -4.44 -19.62 -13.45
CA GLU A 43 -5.28 -18.46 -13.75
C GLU A 43 -4.74 -17.70 -14.95
N GLY A 44 -3.45 -17.37 -14.94
CA GLY A 44 -2.85 -16.58 -15.99
C GLY A 44 -2.63 -15.15 -15.57
N TRP A 45 -2.91 -14.21 -16.46
CA TRP A 45 -2.79 -12.79 -16.13
C TRP A 45 -4.08 -12.19 -15.59
N SER A 46 -5.07 -13.04 -15.25
CA SER A 46 -6.28 -12.58 -14.58
C SER A 46 -6.11 -12.46 -13.09
N LEU A 47 -4.94 -12.82 -12.56
CA LEU A 47 -4.62 -12.85 -11.14
C LEU A 47 -4.58 -11.46 -10.48
N PRO A 48 -4.03 -10.43 -11.14
CA PRO A 48 -4.04 -9.09 -10.50
C PRO A 48 -5.44 -8.57 -10.24
N SER A 49 -6.46 -9.03 -10.98
CA SER A 49 -7.83 -8.62 -10.69
C SER A 49 -8.46 -9.45 -9.58
N TYR A 50 -7.90 -10.63 -9.28
CA TYR A 50 -8.34 -11.41 -8.14
C TYR A 50 -7.76 -10.86 -6.85
N VAL A 51 -6.46 -10.52 -6.88
CA VAL A 51 -5.79 -9.97 -5.70
C VAL A 51 -6.43 -8.65 -5.30
N SER A 52 -6.83 -7.85 -6.28
CA SER A 52 -7.46 -6.55 -6.00
C SER A 52 -8.78 -6.73 -5.26
N VAL A 53 -9.62 -7.64 -5.75
CA VAL A 53 -10.91 -7.90 -5.11
C VAL A 53 -10.69 -8.46 -3.71
N LEU A 54 -9.69 -9.32 -3.54
CA LEU A 54 -9.41 -9.87 -2.22
C LEU A 54 -9.00 -8.78 -1.24
N VAL A 55 -8.11 -7.88 -1.67
CA VAL A 55 -7.66 -6.81 -0.78
C VAL A 55 -8.80 -5.85 -0.48
N ALA A 56 -9.73 -5.66 -1.43
CA ALA A 56 -10.88 -4.80 -1.16
C ALA A 56 -11.82 -5.45 -0.16
N LEU A 57 -12.04 -6.76 -0.27
CA LEU A 57 -12.90 -7.47 0.67
C LEU A 57 -12.25 -7.63 2.04
N GLY A 58 -10.92 -7.52 2.13
CA GLY A 58 -10.24 -7.64 3.42
C GLY A 58 -10.63 -6.60 4.44
N ASN A 59 -11.46 -5.62 4.07
CA ASN A 59 -11.89 -4.59 5.01
C ASN A 59 -12.79 -5.13 6.11
N LEU A 60 -13.03 -6.43 6.15
CA LEU A 60 -13.79 -7.02 7.24
C LEU A 60 -13.00 -7.07 8.55
N GLY A 61 -11.70 -6.78 8.51
CA GLY A 61 -10.95 -6.70 9.74
C GLY A 61 -11.38 -5.56 10.63
N LEU A 62 -11.87 -4.48 10.03
CA LEU A 62 -12.40 -3.36 10.82
C LEU A 62 -13.64 -3.78 11.59
N LEU A 63 -14.53 -4.53 10.94
CA LEU A 63 -15.75 -5.01 11.60
C LEU A 63 -15.45 -5.96 12.75
N VAL A 64 -14.31 -6.65 12.70
CA VAL A 64 -13.95 -7.55 13.79
C VAL A 64 -13.29 -6.78 14.93
N VAL A 65 -12.39 -5.87 14.59
CA VAL A 65 -11.75 -5.04 15.61
C VAL A 65 -12.79 -4.25 16.38
N THR A 66 -13.76 -3.68 15.66
CA THR A 66 -14.81 -2.88 16.30
C THR A 66 -15.67 -3.74 17.22
N LEU A 67 -16.03 -4.94 16.77
CA LEU A 67 -16.88 -5.78 17.59
C LEU A 67 -16.15 -6.27 18.84
N TRP A 68 -14.84 -6.53 18.73
CA TRP A 68 -14.08 -6.90 19.92
C TRP A 68 -13.94 -5.73 20.87
N ARG A 69 -13.74 -4.52 20.32
CA ARG A 69 -13.67 -3.31 21.12
C ARG A 69 -14.99 -2.97 21.78
N ARG A 70 -16.09 -3.53 21.30
CA ARG A 70 -17.39 -3.29 21.90
C ARG A 70 -17.71 -4.32 22.94
N LEU A 71 -17.54 -5.60 22.61
CA LEU A 71 -17.93 -6.63 23.57
C LEU A 71 -16.97 -6.68 24.76
N ALA A 72 -15.66 -6.58 24.52
CA ALA A 72 -14.71 -6.44 25.60
C ALA A 72 -14.40 -4.96 25.76
N PRO A 73 -15.09 -4.24 26.66
CA PRO A 73 -15.04 -2.77 26.62
C PRO A 73 -13.74 -2.18 27.14
N GLY A 74 -13.25 -2.69 28.28
CA GLY A 74 -12.11 -2.09 28.93
C GLY A 74 -10.86 -2.95 28.94
N LYS A 75 -10.80 -3.94 28.05
CA LYS A 75 -9.64 -4.81 27.98
C LYS A 75 -8.45 -4.08 27.38
N ASP A 76 -7.34 -4.81 27.24
CA ASP A 76 -6.08 -4.20 26.85
C ASP A 76 -6.13 -3.76 25.38
N GLU A 77 -5.14 -2.97 25.00
CA GLU A 77 -5.03 -2.40 23.67
C GLU A 77 -3.96 -3.06 22.82
N GLN A 78 -3.07 -3.84 23.43
CA GLN A 78 -1.98 -4.47 22.71
C GLN A 78 -2.31 -5.87 22.22
N VAL A 79 -3.52 -6.36 22.48
CA VAL A 79 -3.92 -7.71 22.05
C VAL A 79 -4.24 -7.73 20.56
N PRO A 80 -4.99 -6.75 20.02
CA PRO A 80 -5.16 -6.74 18.56
C PRO A 80 -3.87 -6.56 17.79
N ILE A 81 -2.94 -5.74 18.29
CA ILE A 81 -1.66 -5.56 17.60
C ILE A 81 -0.94 -6.91 17.47
N ARG A 82 -0.88 -7.66 18.55
CA ARG A 82 -0.19 -8.94 18.54
C ARG A 82 -0.92 -9.98 17.70
N VAL A 83 -2.25 -9.98 17.74
CA VAL A 83 -2.99 -10.90 16.87
C VAL A 83 -2.70 -10.61 15.40
N VAL A 84 -2.68 -9.33 15.02
CA VAL A 84 -2.39 -8.96 13.65
C VAL A 84 -0.98 -9.37 13.26
N GLN A 85 -0.01 -9.15 14.15
CA GLN A 85 1.38 -9.49 13.83
C GLN A 85 1.56 -11.00 13.64
N VAL A 86 0.97 -11.81 14.53
CA VAL A 86 1.12 -13.26 14.38
C VAL A 86 0.39 -13.75 13.14
N LEU A 87 -0.79 -13.20 12.85
CA LEU A 87 -1.48 -13.54 11.61
C LEU A 87 -0.59 -13.29 10.41
N GLY A 88 0.04 -12.11 10.34
CA GLY A 88 0.90 -11.80 9.21
C GLY A 88 2.08 -12.75 9.08
N MET A 89 2.79 -12.98 10.20
CA MET A 89 3.96 -13.85 10.16
C MET A 89 3.60 -15.26 9.69
N VAL A 90 2.57 -15.86 10.30
CA VAL A 90 2.23 -17.23 9.96
C VAL A 90 1.68 -17.31 8.53
N GLY A 91 0.93 -16.30 8.10
CA GLY A 91 0.43 -16.30 6.74
C GLY A 91 1.54 -16.24 5.71
N THR A 92 2.57 -15.43 5.97
CA THR A 92 3.68 -15.35 5.03
C THR A 92 4.49 -16.64 5.01
N ALA A 93 4.65 -17.28 6.17
CA ALA A 93 5.33 -18.58 6.20
C ALA A 93 4.56 -19.63 5.40
N LEU A 94 3.24 -19.70 5.61
CA LEU A 94 2.43 -20.67 4.88
C LEU A 94 2.40 -20.37 3.39
N LEU A 95 2.45 -19.09 3.02
CA LEU A 95 2.50 -18.74 1.59
C LEU A 95 3.82 -19.16 0.98
N ALA A 96 4.93 -18.96 1.68
CA ALA A 96 6.21 -19.45 1.21
C ALA A 96 6.21 -20.96 1.07
N SER A 97 5.44 -21.65 1.90
CA SER A 97 5.48 -23.11 1.88
C SER A 97 4.56 -23.73 0.83
N LEU A 98 3.36 -23.19 0.63
CA LEU A 98 2.30 -23.87 -0.14
C LEU A 98 1.66 -22.93 -1.14
N TRP A 99 2.45 -22.24 -1.97
CA TRP A 99 1.87 -21.29 -2.90
C TRP A 99 1.48 -21.91 -4.24
N HIS A 100 1.92 -23.13 -4.53
CA HIS A 100 1.73 -23.72 -5.86
C HIS A 100 0.79 -24.92 -5.85
N HIS A 101 -0.20 -24.95 -4.96
CA HIS A 101 -1.16 -26.04 -4.92
C HIS A 101 -2.45 -25.61 -5.63
N VAL A 102 -2.89 -26.42 -6.60
CA VAL A 102 -4.12 -26.15 -7.32
C VAL A 102 -5.13 -27.24 -7.00
N ALA A 103 -6.41 -26.93 -7.27
CA ALA A 103 -7.50 -27.85 -6.96
C ALA A 103 -8.67 -27.51 -7.87
N PRO A 104 -9.46 -28.51 -8.29
CA PRO A 104 -10.59 -28.25 -9.18
C PRO A 104 -11.77 -27.67 -8.42
N VAL A 105 -12.02 -26.38 -8.64
CA VAL A 105 -13.16 -25.67 -8.07
C VAL A 105 -14.06 -25.23 -9.21
N ALA A 106 -15.36 -25.52 -9.07
CA ALA A 106 -16.36 -25.20 -10.09
C ALA A 106 -16.05 -25.82 -11.45
N GLY A 107 -15.29 -26.92 -11.46
CA GLY A 107 -14.91 -27.58 -12.68
C GLY A 107 -13.61 -27.09 -13.30
N GLN A 108 -13.07 -25.98 -12.82
CA GLN A 108 -11.83 -25.41 -13.33
C GLN A 108 -10.71 -25.58 -12.30
N LEU A 109 -9.50 -25.72 -12.79
CA LEU A 109 -8.35 -25.76 -11.90
C LEU A 109 -8.03 -24.36 -11.39
N HIS A 110 -7.99 -24.21 -10.07
CA HIS A 110 -7.81 -22.90 -9.46
C HIS A 110 -6.74 -22.99 -8.38
N SER A 111 -6.15 -21.84 -8.07
CA SER A 111 -5.14 -21.72 -7.02
C SER A 111 -5.86 -21.36 -5.73
N VAL A 112 -6.07 -22.36 -4.87
CA VAL A 112 -6.86 -22.15 -3.66
C VAL A 112 -5.98 -21.67 -2.51
N ALA A 113 -4.76 -22.22 -2.41
CA ALA A 113 -3.89 -21.87 -1.29
C ALA A 113 -3.37 -20.44 -1.41
N PHE A 114 -2.91 -20.07 -2.61
CA PHE A 114 -2.47 -18.70 -2.84
C PHE A 114 -3.56 -17.69 -2.51
N LEU A 115 -4.78 -17.93 -2.99
CA LEU A 115 -5.85 -16.95 -2.82
C LEU A 115 -6.34 -16.91 -1.38
N ALA A 116 -6.43 -18.06 -0.71
CA ALA A 116 -6.85 -18.06 0.69
C ALA A 116 -5.84 -17.32 1.56
N LEU A 117 -4.55 -17.60 1.37
CA LEU A 117 -3.53 -16.93 2.17
C LEU A 117 -3.46 -15.44 1.84
N ALA A 118 -3.69 -15.07 0.58
CA ALA A 118 -3.74 -13.65 0.23
C ALA A 118 -4.92 -12.97 0.92
N PHE A 119 -6.04 -13.66 1.04
CA PHE A 119 -7.20 -13.07 1.74
C PHE A 119 -6.90 -12.87 3.22
N VAL A 120 -6.26 -13.85 3.86
CA VAL A 120 -5.91 -13.71 5.27
C VAL A 120 -4.93 -12.55 5.49
N LEU A 121 -3.93 -12.46 4.61
CA LEU A 121 -2.97 -11.36 4.73
C LEU A 121 -3.63 -10.00 4.48
N ALA A 122 -4.59 -9.95 3.57
CA ALA A 122 -5.31 -8.70 3.33
C ALA A 122 -6.11 -8.29 4.56
N LEU A 123 -6.78 -9.25 5.20
CA LEU A 123 -7.47 -8.97 6.46
C LEU A 123 -6.53 -8.36 7.49
N ALA A 124 -5.37 -9.01 7.70
CA ALA A 124 -4.43 -8.52 8.70
C ALA A 124 -3.94 -7.12 8.37
N CYS A 125 -3.57 -6.89 7.11
CA CYS A 125 -3.05 -5.58 6.72
C CYS A 125 -4.10 -4.49 6.80
N CYS A 126 -5.38 -4.82 6.57
CA CYS A 126 -6.42 -3.79 6.68
C CYS A 126 -6.75 -3.48 8.13
N ALA A 127 -6.74 -4.48 9.01
CA ALA A 127 -6.90 -4.19 10.43
C ALA A 127 -5.72 -3.42 11.00
N SER A 128 -4.54 -3.57 10.40
CA SER A 128 -3.34 -2.91 10.90
C SER A 128 -3.51 -1.40 11.00
N ASN A 129 -4.32 -0.79 10.13
CA ASN A 129 -4.47 0.66 10.18
C ASN A 129 -5.15 1.10 11.47
N VAL A 130 -6.38 0.66 11.69
CA VAL A 130 -7.17 1.05 12.84
C VAL A 130 -6.61 0.41 14.11
N THR A 131 -5.60 -0.45 13.97
CA THR A 131 -4.95 -1.00 15.16
C THR A 131 -3.64 -0.31 15.52
N PHE A 132 -2.79 0.01 14.55
CA PHE A 132 -1.47 0.58 14.78
C PHE A 132 -1.50 2.11 14.84
N LEU A 133 -2.28 2.76 13.98
CA LEU A 133 -2.24 4.22 13.92
C LEU A 133 -2.78 4.89 15.18
N PRO A 134 -3.90 4.47 15.77
CA PRO A 134 -4.36 5.13 17.02
C PRO A 134 -3.45 4.90 18.20
N PHE A 135 -2.57 3.90 18.17
CA PHE A 135 -1.68 3.63 19.29
C PHE A 135 -0.62 4.72 19.47
N LEU A 136 -0.43 5.58 18.48
CA LEU A 136 0.57 6.63 18.56
C LEU A 136 0.08 7.87 19.28
N SER A 137 -1.04 7.78 20.00
CA SER A 137 -1.48 8.90 20.84
C SER A 137 -0.69 8.96 22.14
N HIS A 138 0.12 7.95 22.43
CA HIS A 138 0.98 7.91 23.61
C HIS A 138 2.31 8.62 23.40
N LEU A 139 2.46 9.35 22.30
CA LEU A 139 3.73 9.92 21.90
C LEU A 139 3.54 11.33 21.38
N PRO A 140 4.58 12.17 21.45
CA PRO A 140 4.53 13.49 20.80
C PRO A 140 4.28 13.36 19.30
N PRO A 141 3.76 14.40 18.65
CA PRO A 141 3.35 14.25 17.25
C PRO A 141 4.50 14.12 16.26
N ARG A 142 5.75 14.29 16.70
CA ARG A 142 6.90 14.17 15.82
C ARG A 142 7.23 12.73 15.48
N PHE A 143 6.49 11.75 16.02
CA PHE A 143 6.72 10.35 15.73
C PHE A 143 5.71 9.77 14.73
N LEU A 144 4.62 10.48 14.48
CA LEU A 144 3.76 10.15 13.35
C LEU A 144 4.54 10.16 12.05
N ARG A 145 5.48 11.09 11.90
CA ARG A 145 6.27 11.18 10.68
C ARG A 145 7.21 10.00 10.54
N SER A 146 7.78 9.52 11.65
CA SER A 146 8.60 8.32 11.60
C SER A 146 7.76 7.09 11.29
N PHE A 147 6.55 7.03 11.86
CA PHE A 147 5.62 5.94 11.53
C PHE A 147 5.34 5.88 10.04
N PHE A 148 5.03 7.03 9.43
CA PHE A 148 4.72 7.04 8.01
C PHE A 148 5.96 6.83 7.13
N LEU A 149 7.12 7.28 7.58
CA LEU A 149 8.37 6.97 6.87
C LEU A 149 8.62 5.47 6.83
N GLY A 150 8.44 4.79 7.97
CA GLY A 150 8.55 3.34 7.97
C GLY A 150 7.49 2.68 7.11
N GLN A 151 6.27 3.21 7.14
CA GLN A 151 5.20 2.67 6.32
C GLN A 151 5.50 2.81 4.82
N GLY A 152 6.30 3.81 4.45
CA GLY A 152 6.74 3.93 3.07
C GLY A 152 7.90 3.01 2.72
N LEU A 153 8.83 2.85 3.66
CA LEU A 153 9.89 1.86 3.47
C LEU A 153 9.30 0.47 3.29
N SER A 154 8.14 0.21 3.91
CA SER A 154 7.42 -1.04 3.71
C SER A 154 7.15 -1.33 2.23
N ALA A 155 6.94 -0.31 1.42
CA ALA A 155 6.76 -0.47 -0.02
C ALA A 155 8.06 -0.35 -0.80
N LEU A 156 9.02 0.43 -0.29
CA LEU A 156 10.27 0.60 -1.02
C LEU A 156 11.13 -0.66 -1.00
N LEU A 157 11.17 -1.38 0.12
CA LEU A 157 12.11 -2.49 0.23
C LEU A 157 11.77 -3.69 -0.67
N PRO A 158 10.51 -4.17 -0.74
CA PRO A 158 10.23 -5.30 -1.65
C PRO A 158 10.53 -4.99 -3.12
N CYS A 159 10.42 -3.73 -3.55
CA CYS A 159 10.76 -3.41 -4.93
C CYS A 159 12.24 -3.59 -5.19
N VAL A 160 13.10 -3.22 -4.23
CA VAL A 160 14.53 -3.46 -4.38
C VAL A 160 14.81 -4.97 -4.34
N LEU A 161 14.07 -5.70 -3.53
CA LEU A 161 14.26 -7.16 -3.50
C LEU A 161 13.89 -7.79 -4.84
N ALA A 162 12.82 -7.29 -5.47
CA ALA A 162 12.43 -7.81 -6.79
C ALA A 162 13.41 -7.36 -7.87
N LEU A 163 14.05 -6.20 -7.68
CA LEU A 163 15.13 -5.80 -8.57
C LEU A 163 16.29 -6.78 -8.49
N VAL A 164 16.72 -7.10 -7.27
CA VAL A 164 17.81 -8.07 -7.10
C VAL A 164 17.41 -9.43 -7.65
N GLN A 165 16.13 -9.81 -7.51
CA GLN A 165 15.68 -11.09 -8.01
C GLN A 165 15.74 -11.17 -9.53
N GLY A 166 15.36 -10.09 -10.21
CA GLY A 166 15.39 -10.06 -11.66
C GLY A 166 14.01 -10.13 -12.29
N VAL A 167 13.01 -9.58 -11.61
CA VAL A 167 11.64 -9.63 -12.11
C VAL A 167 11.50 -8.68 -13.28
N GLY A 168 10.86 -9.15 -14.35
CA GLY A 168 10.58 -8.29 -15.49
C GLY A 168 11.66 -8.24 -16.55
N ARG A 169 12.57 -9.22 -16.57
CA ARG A 169 13.64 -9.24 -17.56
C ARG A 169 13.16 -9.99 -18.78
N LEU A 170 12.88 -9.26 -19.86
CA LEU A 170 12.45 -9.86 -21.12
C LEU A 170 13.21 -9.25 -22.28
N ASP A 186 12.40 -15.36 -22.30
CA ASP A 186 11.98 -15.74 -20.95
C ASP A 186 13.18 -16.19 -20.11
N PHE A 187 13.71 -15.26 -19.32
CA PHE A 187 14.85 -15.56 -18.46
C PHE A 187 14.37 -16.17 -17.14
N LEU A 188 15.29 -16.87 -16.48
CA LEU A 188 15.02 -17.51 -15.20
C LEU A 188 15.60 -16.67 -14.07
N GLU A 189 14.76 -16.34 -13.10
CA GLU A 189 15.14 -15.44 -12.01
C GLU A 189 16.29 -16.04 -11.20
N ARG A 190 16.87 -15.19 -10.34
CA ARG A 190 18.02 -15.60 -9.55
C ARG A 190 17.66 -16.49 -8.37
N PHE A 191 16.43 -16.41 -7.87
CA PHE A 191 15.96 -17.31 -6.82
C PHE A 191 14.44 -17.36 -6.88
N PRO A 192 13.83 -18.50 -6.53
CA PRO A 192 12.38 -18.65 -6.68
C PRO A 192 11.58 -17.81 -5.69
N ALA A 193 10.25 -17.96 -5.71
CA ALA A 193 9.37 -17.19 -4.85
C ALA A 193 9.46 -17.59 -3.39
N SER A 194 9.93 -18.81 -3.10
CA SER A 194 10.10 -19.24 -1.72
C SER A 194 11.05 -18.31 -0.96
N THR A 195 12.20 -18.00 -1.56
CA THR A 195 13.15 -17.11 -0.91
C THR A 195 12.56 -15.71 -0.70
N PHE A 196 11.78 -15.24 -1.66
CA PHE A 196 11.14 -13.94 -1.54
C PHE A 196 10.20 -13.90 -0.34
N PHE A 197 9.33 -14.89 -0.22
CA PHE A 197 8.37 -14.89 0.88
C PHE A 197 9.06 -15.14 2.22
N TRP A 198 10.17 -15.88 2.23
CA TRP A 198 10.90 -16.06 3.48
C TRP A 198 11.57 -14.76 3.92
N ALA A 199 12.05 -13.96 2.96
CA ALA A 199 12.57 -12.64 3.30
C ALA A 199 11.48 -11.74 3.87
N LEU A 200 10.27 -11.82 3.30
CA LEU A 200 9.14 -11.08 3.87
C LEU A 200 8.85 -11.53 5.31
N THR A 201 8.92 -12.83 5.56
CA THR A 201 8.74 -13.34 6.92
C THR A 201 9.78 -12.76 7.87
N ALA A 202 11.04 -12.68 7.42
CA ALA A 202 12.08 -12.10 8.26
C ALA A 202 11.79 -10.64 8.58
N LEU A 203 11.33 -9.87 7.58
CA LEU A 203 10.93 -8.49 7.82
C LEU A 203 9.85 -8.39 8.89
N LEU A 204 8.82 -9.25 8.79
CA LEU A 204 7.72 -9.18 9.73
C LEU A 204 8.16 -9.55 11.15
N VAL A 205 9.08 -10.51 11.28
CA VAL A 205 9.60 -10.86 12.60
C VAL A 205 10.40 -9.70 13.19
N ALA A 206 11.20 -9.03 12.36
CA ALA A 206 11.94 -7.86 12.85
C ALA A 206 10.99 -6.77 13.33
N SER A 207 9.90 -6.56 12.61
CA SER A 207 8.93 -5.54 13.04
C SER A 207 8.27 -5.92 14.36
N ALA A 208 7.93 -7.19 14.55
CA ALA A 208 7.35 -7.62 15.81
C ALA A 208 8.31 -7.38 16.97
N ALA A 209 9.60 -7.70 16.77
CA ALA A 209 10.58 -7.48 17.83
C ALA A 209 10.75 -5.99 18.13
N ALA A 210 10.72 -5.16 17.08
CA ALA A 210 10.84 -3.72 17.30
C ALA A 210 9.66 -3.16 18.09
N PHE A 211 8.44 -3.64 17.81
CA PHE A 211 7.31 -3.19 18.62
C PHE A 211 7.43 -3.68 20.06
N GLN A 212 7.90 -4.91 20.27
CA GLN A 212 8.10 -5.38 21.63
C GLN A 212 9.09 -4.51 22.38
N GLY A 213 10.14 -4.03 21.70
CA GLY A 213 11.06 -3.11 22.35
C GLY A 213 10.45 -1.76 22.63
N LEU A 214 9.64 -1.26 21.69
CA LEU A 214 8.96 0.02 21.91
C LEU A 214 8.03 -0.04 23.11
N LEU A 215 7.42 -1.21 23.36
CA LEU A 215 6.60 -1.36 24.56
C LEU A 215 7.44 -1.22 25.82
N LEU A 216 8.68 -1.72 25.80
CA LEU A 216 9.57 -1.59 26.95
C LEU A 216 10.03 -0.15 27.12
N LEU A 217 10.09 0.61 26.02
CA LEU A 217 10.61 1.96 26.12
C LEU A 217 9.59 2.93 26.70
N LEU A 218 8.30 2.67 26.49
CA LEU A 218 7.28 3.57 27.00
C LEU A 218 7.09 3.40 28.51
N PRO A 219 6.80 4.48 29.23
CA PRO A 219 6.70 4.37 30.69
C PRO A 219 5.50 3.54 31.09
N PRO A 220 5.52 2.94 32.29
CA PRO A 220 4.40 2.13 32.74
C PRO A 220 3.16 2.98 32.93
N PRO A 221 1.99 2.52 32.46
CA PRO A 221 0.72 3.22 32.61
C PRO A 221 -0.05 2.81 33.87
N ALA A 268 -15.64 15.44 20.97
CA ALA A 268 -17.09 15.55 21.10
C ALA A 268 -17.65 16.50 20.06
N TYR A 269 -17.20 17.76 20.09
CA TYR A 269 -17.63 18.76 19.12
C TYR A 269 -16.80 18.75 17.85
N GLN A 270 -15.80 17.86 17.74
CA GLN A 270 -14.87 17.92 16.61
C GLN A 270 -15.35 17.07 15.44
N LEU A 271 -15.98 15.92 15.71
CA LEU A 271 -16.29 14.99 14.63
C LEU A 271 -17.23 15.60 13.61
N LEU A 272 -18.16 16.45 14.06
CA LEU A 272 -19.12 17.11 13.18
C LEU A 272 -18.72 18.54 12.83
N SER A 273 -17.45 18.89 13.02
CA SER A 273 -16.96 20.19 12.63
C SER A 273 -16.59 20.19 11.15
N ALA A 274 -16.57 21.39 10.56
CA ALA A 274 -16.17 21.50 9.15
C ALA A 274 -14.67 21.30 8.98
N ARG A 275 -13.87 21.76 9.94
CA ARG A 275 -12.42 21.61 9.84
C ARG A 275 -11.98 20.16 9.96
N SER A 276 -12.74 19.31 10.65
CA SER A 276 -12.41 17.90 10.77
C SER A 276 -13.06 17.06 9.69
N ALA A 277 -14.01 17.61 8.94
CA ALA A 277 -14.53 16.95 7.76
C ALA A 277 -13.71 17.27 6.51
N CYS A 278 -13.13 18.47 6.45
CA CYS A 278 -12.25 18.84 5.35
C CYS A 278 -11.00 17.99 5.28
N LEU A 279 -10.56 17.41 6.40
CA LEU A 279 -9.39 16.55 6.43
C LEU A 279 -9.74 15.09 6.13
N LEU A 280 -10.90 14.63 6.60
CA LEU A 280 -11.33 13.27 6.30
C LEU A 280 -11.69 13.12 4.83
N GLY A 281 -12.30 14.14 4.23
CA GLY A 281 -12.57 14.09 2.80
C GLY A 281 -11.29 14.01 1.98
N LEU A 282 -10.29 14.81 2.35
CA LEU A 282 -9.00 14.77 1.66
C LEU A 282 -8.35 13.41 1.78
N LEU A 283 -8.33 12.85 3.00
CA LEU A 283 -7.74 11.53 3.18
C LEU A 283 -8.45 10.49 2.32
N ALA A 284 -9.78 10.49 2.34
CA ALA A 284 -10.53 9.52 1.55
C ALA A 284 -10.26 9.66 0.07
N ALA A 285 -10.25 10.89 -0.46
CA ALA A 285 -10.07 11.09 -1.88
C ALA A 285 -8.67 10.71 -2.33
N THR A 286 -7.64 11.19 -1.63
CA THR A 286 -6.28 10.87 -2.03
C THR A 286 -5.99 9.38 -1.93
N ASN A 287 -6.57 8.70 -0.94
CA ASN A 287 -6.35 7.25 -0.84
C ASN A 287 -7.17 6.48 -1.86
N ALA A 288 -8.35 6.95 -2.22
CA ALA A 288 -9.09 6.33 -3.31
C ALA A 288 -8.33 6.41 -4.61
N LEU A 289 -7.62 7.51 -4.83
CA LEU A 289 -6.80 7.63 -6.03
C LEU A 289 -5.57 6.73 -5.96
N THR A 290 -4.78 6.84 -4.89
CA THR A 290 -3.51 6.13 -4.84
C THR A 290 -3.65 4.62 -4.65
N ASN A 291 -4.74 4.13 -4.05
CA ASN A 291 -4.85 2.72 -3.71
C ASN A 291 -5.87 1.96 -4.56
N GLY A 292 -6.66 2.64 -5.38
CA GLY A 292 -7.63 1.95 -6.22
C GLY A 292 -7.38 2.01 -7.72
N VAL A 293 -6.86 3.12 -8.21
CA VAL A 293 -6.81 3.40 -9.65
C VAL A 293 -5.41 3.17 -10.21
N LEU A 294 -4.39 3.72 -9.56
CA LEU A 294 -3.04 3.60 -10.08
C LEU A 294 -2.52 2.16 -10.10
N PRO A 295 -2.74 1.33 -9.06
CA PRO A 295 -2.36 -0.09 -9.19
C PRO A 295 -3.04 -0.80 -10.34
N ALA A 296 -4.15 -0.26 -10.86
CA ALA A 296 -4.87 -0.88 -11.96
C ALA A 296 -4.39 -0.38 -13.32
N VAL A 297 -3.95 0.88 -13.40
CA VAL A 297 -3.58 1.44 -14.70
C VAL A 297 -2.06 1.54 -14.87
N GLN A 298 -1.30 1.06 -13.88
CA GLN A 298 0.16 1.19 -13.91
C GLN A 298 0.77 0.63 -15.20
N SER A 299 0.55 -0.66 -15.45
CA SER A 299 1.18 -1.31 -16.59
C SER A 299 0.66 -0.76 -17.91
N PHE A 300 -0.66 -0.58 -18.02
CA PHE A 300 -1.24 -0.04 -19.25
C PHE A 300 -0.70 1.33 -19.57
N SER A 301 -0.31 2.10 -18.55
CA SER A 301 0.31 3.40 -18.81
C SER A 301 1.77 3.24 -19.22
N CYS A 302 2.55 2.46 -18.47
CA CYS A 302 4.00 2.50 -18.58
C CYS A 302 4.58 1.53 -19.62
N LEU A 303 3.82 0.55 -20.08
CA LEU A 303 4.40 -0.50 -20.91
C LEU A 303 4.74 -0.08 -22.34
N PRO A 304 3.88 0.70 -23.04
CA PRO A 304 4.21 1.07 -24.43
C PRO A 304 5.57 1.74 -24.62
N TYR A 305 6.18 2.23 -23.54
CA TYR A 305 7.44 2.93 -23.61
C TYR A 305 8.64 2.06 -23.29
N GLY A 306 8.45 0.75 -23.14
CA GLY A 306 9.56 -0.16 -22.99
C GLY A 306 9.67 -0.75 -21.60
N ARG A 307 10.84 -1.29 -21.33
CA ARG A 307 11.18 -1.96 -20.08
C ARG A 307 11.93 -1.05 -19.11
N LEU A 308 12.70 -0.11 -19.63
CA LEU A 308 13.35 0.87 -18.78
C LEU A 308 12.34 1.85 -18.18
N ALA A 309 11.39 2.31 -18.98
CA ALA A 309 10.35 3.20 -18.47
C ALA A 309 9.56 2.53 -17.36
N TYR A 310 9.19 1.26 -17.54
CA TYR A 310 8.39 0.56 -16.54
C TYR A 310 9.18 0.37 -15.24
N HIS A 311 10.43 -0.07 -15.34
CA HIS A 311 11.22 -0.30 -14.13
C HIS A 311 11.49 1.02 -13.41
N LEU A 312 11.87 2.07 -14.13
CA LEU A 312 12.11 3.36 -13.51
C LEU A 312 10.85 3.88 -12.84
N ALA A 313 9.71 3.81 -13.53
CA ALA A 313 8.46 4.28 -12.94
C ALA A 313 8.15 3.54 -11.65
N VAL A 314 8.22 2.21 -11.68
CA VAL A 314 7.89 1.41 -10.50
C VAL A 314 8.80 1.78 -9.33
N VAL A 315 10.12 1.74 -9.56
CA VAL A 315 11.04 1.92 -8.44
C VAL A 315 11.01 3.35 -7.91
N LEU A 316 10.95 4.34 -8.80
CA LEU A 316 10.96 5.72 -8.34
C LEU A 316 9.64 6.11 -7.67
N GLY A 317 8.52 5.59 -8.18
CA GLY A 317 7.26 5.79 -7.48
C GLY A 317 7.25 5.16 -6.10
N SER A 318 7.86 3.98 -5.97
CA SER A 318 7.95 3.34 -4.66
C SER A 318 8.89 4.08 -3.72
N ALA A 319 9.94 4.70 -4.25
CA ALA A 319 10.89 5.44 -3.43
C ALA A 319 10.47 6.87 -3.16
N ALA A 320 9.43 7.38 -3.80
CA ALA A 320 8.97 8.73 -3.57
C ALA A 320 8.21 8.91 -2.26
N ASN A 321 7.80 7.83 -1.59
CA ASN A 321 7.09 7.94 -0.32
C ASN A 321 8.02 8.25 0.85
N PRO A 322 9.10 7.48 1.07
CA PRO A 322 10.00 7.83 2.18
C PRO A 322 10.65 9.18 2.01
N LEU A 323 10.90 9.62 0.78
CA LEU A 323 11.47 10.95 0.58
C LEU A 323 10.45 12.05 0.88
N ALA A 324 9.17 11.81 0.58
CA ALA A 324 8.15 12.77 0.97
C ALA A 324 8.02 12.85 2.49
N CYS A 325 8.17 11.72 3.17
CA CYS A 325 8.09 11.74 4.63
C CYS A 325 9.33 12.39 5.25
N PHE A 326 10.50 12.24 4.62
CA PHE A 326 11.68 12.96 5.07
C PHE A 326 11.51 14.46 4.88
N LEU A 327 10.96 14.87 3.73
CA LEU A 327 10.68 16.28 3.50
C LEU A 327 9.69 16.82 4.52
N ALA A 328 8.69 16.02 4.91
CA ALA A 328 7.76 16.43 5.94
C ALA A 328 8.45 16.55 7.29
N MET A 329 9.38 15.65 7.59
CA MET A 329 10.24 15.83 8.77
C MET A 329 10.98 17.16 8.72
N GLY A 330 11.38 17.60 7.52
CA GLY A 330 12.00 18.90 7.37
C GLY A 330 11.07 20.06 7.65
N VAL A 331 10.08 20.27 6.79
CA VAL A 331 9.09 21.33 6.95
C VAL A 331 7.70 20.76 6.68
N LEU A 332 6.72 21.18 7.46
CA LEU A 332 5.37 20.63 7.40
C LEU A 332 4.35 21.75 7.20
N CYS A 333 3.44 21.55 6.26
CA CYS A 333 2.39 22.51 6.00
C CYS A 333 1.26 22.33 7.01
N ARG A 334 0.58 23.43 7.34
CA ARG A 334 -0.46 23.41 8.36
C ARG A 334 -1.73 24.17 7.97
N SER A 335 -1.82 24.68 6.76
CA SER A 335 -3.02 25.37 6.31
C SER A 335 -3.84 24.46 5.39
N LEU A 336 -5.16 24.52 5.54
CA LEU A 336 -6.02 23.67 4.73
C LEU A 336 -5.93 24.00 3.24
N ALA A 337 -5.75 25.29 2.92
CA ALA A 337 -5.67 25.70 1.52
C ALA A 337 -4.43 25.16 0.83
N GLY A 338 -3.30 25.11 1.55
CA GLY A 338 -2.09 24.56 0.95
C GLY A 338 -2.23 23.08 0.64
N LEU A 339 -2.88 22.33 1.54
CA LEU A 339 -3.13 20.92 1.28
C LEU A 339 -4.14 20.72 0.15
N GLY A 340 -5.12 21.62 0.03
CA GLY A 340 -6.01 21.56 -1.11
C GLY A 340 -5.29 21.80 -2.43
N GLY A 341 -4.39 22.79 -2.45
CA GLY A 341 -3.61 23.04 -3.65
C GLY A 341 -2.70 21.88 -4.02
N LEU A 342 -2.04 21.29 -3.03
CA LEU A 342 -1.20 20.12 -3.29
C LEU A 342 -2.03 18.97 -3.83
N SER A 343 -3.21 18.72 -3.24
CA SER A 343 -4.08 17.65 -3.73
C SER A 343 -4.52 17.92 -5.17
N LEU A 344 -4.75 19.19 -5.51
CA LEU A 344 -5.13 19.53 -6.88
C LEU A 344 -4.01 19.22 -7.86
N LEU A 345 -2.79 19.67 -7.55
CA LEU A 345 -1.67 19.43 -8.45
C LEU A 345 -1.28 17.96 -8.49
N GLY A 346 -1.73 17.17 -7.52
CA GLY A 346 -1.57 15.72 -7.61
C GLY A 346 -2.62 15.05 -8.47
N VAL A 347 -3.87 15.51 -8.34
CA VAL A 347 -4.95 14.97 -9.17
C VAL A 347 -4.69 15.28 -10.64
N PHE A 348 -4.02 16.39 -10.93
CA PHE A 348 -3.68 16.70 -12.32
C PHE A 348 -2.84 15.58 -12.96
N CYS A 349 -1.74 15.20 -12.30
CA CYS A 349 -0.91 14.12 -12.83
C CYS A 349 -1.63 12.79 -12.79
N GLY A 350 -2.42 12.54 -11.73
CA GLY A 350 -3.18 11.31 -11.67
C GLY A 350 -4.16 11.16 -12.81
N GLY A 351 -4.68 12.28 -13.32
CA GLY A 351 -5.54 12.22 -14.48
C GLY A 351 -4.80 12.11 -15.79
N TYR A 352 -3.62 12.73 -15.87
CA TYR A 352 -2.79 12.56 -17.07
C TYR A 352 -2.39 11.10 -17.24
N LEU A 353 -2.07 10.42 -16.14
CA LEU A 353 -1.71 9.00 -16.23
C LEU A 353 -2.84 8.16 -16.81
N MET A 354 -4.08 8.39 -16.36
CA MET A 354 -5.18 7.59 -16.86
C MET A 354 -5.52 7.97 -18.30
N ALA A 355 -5.40 9.26 -18.65
CA ALA A 355 -5.56 9.65 -20.05
C ALA A 355 -4.53 8.98 -20.94
N LEU A 356 -3.34 8.71 -20.40
CA LEU A 356 -2.33 7.95 -21.13
C LEU A 356 -2.72 6.48 -21.21
N ALA A 357 -3.31 5.94 -20.14
CA ALA A 357 -3.64 4.53 -20.09
C ALA A 357 -4.83 4.16 -20.97
N VAL A 358 -5.72 5.12 -21.26
CA VAL A 358 -6.86 4.83 -22.13
C VAL A 358 -6.39 4.54 -23.54
N LEU A 359 -5.28 5.12 -23.97
CA LEU A 359 -4.71 4.92 -25.29
C LEU A 359 -3.54 3.94 -25.25
N SER A 360 -3.71 2.87 -24.47
CA SER A 360 -2.62 1.92 -24.27
C SER A 360 -1.98 1.38 -25.53
N PRO A 361 -2.68 1.15 -26.65
CA PRO A 361 -1.96 0.73 -27.87
C PRO A 361 -0.87 1.69 -28.30
N CYS A 362 -1.20 2.95 -28.55
CA CYS A 362 -0.23 3.92 -29.05
C CYS A 362 -0.49 5.28 -28.40
N PRO A 363 0.14 5.55 -27.26
CA PRO A 363 0.01 6.87 -26.65
C PRO A 363 0.85 7.89 -27.40
N PRO A 364 0.62 9.19 -27.17
CA PRO A 364 1.45 10.20 -27.84
C PRO A 364 2.88 10.19 -27.34
N LEU A 365 3.79 10.61 -28.22
CA LEU A 365 5.22 10.72 -27.91
C LEU A 365 5.81 9.37 -27.51
N VAL A 366 5.42 8.33 -28.24
CA VAL A 366 5.93 6.98 -27.98
C VAL A 366 7.18 6.77 -28.81
N GLY A 367 8.17 6.10 -28.21
CA GLY A 367 9.43 5.84 -28.90
C GLY A 367 10.38 7.01 -28.95
N THR A 368 10.11 8.07 -28.18
CA THR A 368 10.98 9.23 -28.11
C THR A 368 11.32 9.48 -26.65
N SER A 369 12.57 9.88 -26.39
CA SER A 369 13.05 10.04 -25.02
C SER A 369 12.23 11.03 -24.21
N ALA A 370 11.39 11.85 -24.85
CA ALA A 370 10.54 12.75 -24.10
C ALA A 370 9.42 12.03 -23.36
N GLY A 371 8.82 11.01 -23.98
CA GLY A 371 7.72 10.31 -23.35
C GLY A 371 8.10 9.53 -22.11
N VAL A 372 9.29 8.92 -22.12
CA VAL A 372 9.75 8.19 -20.94
C VAL A 372 9.85 9.12 -19.74
N VAL A 373 10.46 10.29 -19.93
CA VAL A 373 10.59 11.26 -18.85
C VAL A 373 9.23 11.78 -18.43
N LEU A 374 8.36 12.07 -19.41
CA LEU A 374 7.06 12.65 -19.11
C LEU A 374 6.12 11.65 -18.44
N VAL A 375 6.40 10.36 -18.55
CA VAL A 375 5.59 9.35 -17.87
C VAL A 375 6.19 8.89 -16.55
N VAL A 376 7.50 9.02 -16.37
CA VAL A 376 8.11 8.70 -15.07
C VAL A 376 7.90 9.84 -14.07
N LEU A 377 8.03 11.09 -14.54
CA LEU A 377 7.89 12.23 -13.65
C LEU A 377 6.46 12.35 -13.13
N SER A 378 5.47 11.93 -13.91
CA SER A 378 4.08 11.96 -13.44
C SER A 378 3.91 11.03 -12.25
N TRP A 379 4.44 9.81 -12.33
CA TRP A 379 4.32 8.87 -11.22
C TRP A 379 5.03 9.40 -9.98
N VAL A 380 6.26 9.89 -10.16
CA VAL A 380 7.01 10.42 -9.03
C VAL A 380 6.23 11.54 -8.35
N LEU A 381 5.79 12.53 -9.13
CA LEU A 381 5.08 13.67 -8.57
C LEU A 381 3.80 13.24 -7.85
N CYS A 382 2.99 12.40 -8.50
CA CYS A 382 1.71 11.99 -7.92
C CYS A 382 1.92 11.30 -6.58
N LEU A 383 2.77 10.27 -6.55
CA LEU A 383 2.93 9.51 -5.31
C LEU A 383 3.54 10.35 -4.20
N GLY A 384 4.54 11.18 -4.53
CA GLY A 384 5.14 12.01 -3.51
C GLY A 384 4.17 13.02 -2.92
N VAL A 385 3.42 13.70 -3.79
CA VAL A 385 2.48 14.71 -3.33
C VAL A 385 1.41 14.08 -2.43
N PHE A 386 0.90 12.91 -2.82
CA PHE A 386 -0.17 12.32 -2.03
C PHE A 386 0.34 11.80 -0.69
N SER A 387 1.56 11.24 -0.67
CA SER A 387 2.14 10.83 0.61
C SER A 387 2.34 12.03 1.54
N TYR A 388 2.81 13.16 0.98
CA TYR A 388 2.99 14.35 1.81
C TYR A 388 1.66 14.83 2.39
N VAL A 389 0.62 14.88 1.56
CA VAL A 389 -0.69 15.34 2.05
C VAL A 389 -1.20 14.40 3.14
N LYS A 390 -0.99 13.09 2.98
CA LYS A 390 -1.41 12.15 4.01
C LYS A 390 -0.71 12.41 5.33
N VAL A 391 0.63 12.51 5.31
CA VAL A 391 1.38 12.79 6.54
C VAL A 391 0.88 14.07 7.20
N ALA A 392 0.68 15.13 6.40
CA ALA A 392 0.33 16.43 6.96
C ALA A 392 -1.07 16.41 7.58
N ALA A 393 -2.05 15.85 6.88
CA ALA A 393 -3.41 15.83 7.43
C ALA A 393 -3.49 14.94 8.67
N SER A 394 -2.75 13.82 8.69
CA SER A 394 -2.76 12.98 9.87
C SER A 394 -2.13 13.70 11.06
N SER A 395 -1.04 14.44 10.83
CA SER A 395 -0.41 15.17 11.92
C SER A 395 -1.30 16.31 12.41
N LEU A 396 -2.13 16.87 11.53
CA LEU A 396 -3.08 17.89 11.96
C LEU A 396 -4.19 17.29 12.80
N LEU A 397 -4.69 16.08 12.53
CA LEU A 397 -5.75 15.49 13.37
C LEU A 397 -5.32 14.85 14.72
N HIS A 398 -4.03 14.73 14.99
CA HIS A 398 -3.44 14.13 16.21
C HIS A 398 -3.73 14.84 17.50
N GLY A 399 -4.13 16.11 17.43
CA GLY A 399 -4.49 16.96 18.55
C GLY A 399 -5.67 16.42 19.31
N GLY A 400 -6.62 15.81 18.60
CA GLY A 400 -7.80 15.14 19.13
C GLY A 400 -7.66 13.92 20.05
N GLY A 401 -6.71 13.03 19.82
CA GLY A 401 -6.56 11.94 20.72
C GLY A 401 -6.53 10.62 20.03
N ARG A 402 -7.00 9.57 20.69
CA ARG A 402 -7.04 8.25 20.10
C ARG A 402 -8.27 8.23 19.22
N PRO A 403 -9.35 8.92 19.63
CA PRO A 403 -10.59 9.10 18.90
C PRO A 403 -10.44 9.81 17.59
N ALA A 404 -9.61 10.84 17.53
CA ALA A 404 -9.26 11.57 16.31
C ALA A 404 -8.40 10.78 15.38
N LEU A 405 -7.43 10.04 15.90
CA LEU A 405 -6.56 9.14 15.13
C LEU A 405 -7.26 7.93 14.56
N LEU A 406 -8.23 7.40 15.30
CA LEU A 406 -9.09 6.29 14.88
C LEU A 406 -9.92 6.71 13.70
N ALA A 407 -10.38 7.95 13.67
CA ALA A 407 -11.14 8.54 12.57
C ALA A 407 -10.33 8.62 11.31
N ALA A 408 -9.03 8.89 11.42
CA ALA A 408 -8.10 8.99 10.29
C ALA A 408 -7.78 7.68 9.59
N GLY A 409 -7.82 6.55 10.28
CA GLY A 409 -7.67 5.22 9.71
C GLY A 409 -8.92 4.72 9.01
N VAL A 410 -10.08 4.96 9.62
CA VAL A 410 -11.34 4.55 9.00
C VAL A 410 -11.56 5.28 7.69
N ALA A 411 -11.21 6.57 7.64
CA ALA A 411 -11.37 7.34 6.42
C ALA A 411 -10.47 6.82 5.31
N ILE A 412 -9.21 6.53 5.63
CA ILE A 412 -8.29 5.96 4.65
C ILE A 412 -8.85 4.67 4.08
N GLN A 413 -9.34 3.78 4.94
CA GLN A 413 -9.80 2.48 4.46
C GLN A 413 -11.08 2.60 3.64
N VAL A 414 -12.00 3.48 4.05
CA VAL A 414 -13.23 3.67 3.27
C VAL A 414 -12.92 4.24 1.90
N GLY A 415 -11.99 5.20 1.83
CA GLY A 415 -11.60 5.74 0.55
C GLY A 415 -10.99 4.69 -0.36
N SER A 416 -10.10 3.86 0.19
CA SER A 416 -9.49 2.79 -0.61
C SER A 416 -10.52 1.80 -1.12
N LEU A 417 -11.47 1.41 -0.27
CA LEU A 417 -12.52 0.49 -0.69
C LEU A 417 -13.35 1.08 -1.83
N LEU A 418 -13.75 2.35 -1.68
CA LEU A 418 -14.53 2.99 -2.74
C LEU A 418 -13.75 3.05 -4.04
N GLY A 419 -12.45 3.34 -3.96
CA GLY A 419 -11.64 3.39 -5.17
C GLY A 419 -11.56 2.05 -5.88
N ALA A 420 -11.31 0.99 -5.13
CA ALA A 420 -11.22 -0.34 -5.74
C ALA A 420 -12.55 -0.77 -6.35
N VAL A 421 -13.65 -0.55 -5.63
CA VAL A 421 -14.96 -0.92 -6.14
C VAL A 421 -15.30 -0.15 -7.40
N ALA A 422 -14.91 1.13 -7.45
CA ALA A 422 -15.19 1.94 -8.63
C ALA A 422 -14.33 1.49 -9.81
N MET A 423 -13.10 1.03 -9.55
CA MET A 423 -12.21 0.63 -10.63
C MET A 423 -12.49 -0.78 -11.15
N PHE A 424 -13.22 -1.61 -10.40
CA PHE A 424 -13.50 -2.96 -10.86
C PHE A 424 -14.24 -3.03 -12.20
N PRO A 425 -15.32 -2.27 -12.44
CA PRO A 425 -16.08 -2.43 -13.70
C PRO A 425 -15.26 -2.06 -14.94
N PRO A 426 -14.54 -0.93 -14.97
CA PRO A 426 -13.79 -0.61 -16.18
C PRO A 426 -12.72 -1.63 -16.52
N THR A 427 -12.24 -2.39 -15.54
CA THR A 427 -11.11 -3.30 -15.73
C THR A 427 -11.52 -4.74 -15.98
N SER A 428 -12.49 -5.26 -15.22
CA SER A 428 -12.79 -6.69 -15.25
C SER A 428 -14.16 -7.02 -15.85
N ILE A 429 -14.93 -6.02 -16.27
CA ILE A 429 -16.25 -6.28 -16.83
C ILE A 429 -16.26 -5.88 -18.31
N TYR A 430 -15.85 -4.66 -18.60
CA TYR A 430 -15.94 -4.14 -19.95
C TYR A 430 -14.62 -4.16 -20.71
N HIS A 431 -13.49 -4.28 -20.02
CA HIS A 431 -12.16 -4.31 -20.63
C HIS A 431 -11.92 -3.05 -21.46
N VAL A 432 -11.90 -1.91 -20.77
CA VAL A 432 -11.71 -0.63 -21.45
C VAL A 432 -10.27 -0.48 -21.92
N PHE A 433 -9.30 -0.92 -21.13
CA PHE A 433 -7.89 -0.84 -21.49
C PHE A 433 -7.52 -2.07 -22.31
N HIS A 434 -6.70 -1.85 -23.34
CA HIS A 434 -6.27 -2.91 -24.24
C HIS A 434 -4.77 -3.10 -24.12
N SER A 435 -4.34 -4.34 -23.90
CA SER A 435 -2.95 -4.63 -23.64
C SER A 435 -2.12 -4.53 -24.94
N ARG A 436 -0.80 -4.58 -24.77
CA ARG A 436 0.14 -4.47 -25.86
C ARG A 436 0.94 -5.74 -26.02
N LYS A 437 1.02 -6.25 -27.25
CA LYS A 437 1.81 -7.42 -27.54
C LYS A 437 3.29 -7.06 -27.53
N ASP A 438 4.08 -7.85 -26.80
CA ASP A 438 5.51 -7.56 -26.67
C ASP A 438 6.23 -7.71 -28.01
N CYS A 439 7.28 -6.91 -28.19
CA CYS A 439 8.11 -6.90 -29.38
C CYS A 439 7.35 -6.50 -30.64
N ALA A 440 6.30 -5.67 -30.49
CA ALA A 440 5.51 -5.22 -31.64
C ALA A 440 4.97 -3.83 -31.36
N ASP A 441 4.86 -3.04 -32.42
CA ASP A 441 4.30 -1.69 -32.35
C ASP A 441 3.05 -1.62 -33.20
N PRO A 442 1.85 -1.79 -32.63
CA PRO A 442 0.58 -1.74 -33.36
C PRO A 442 0.32 -0.36 -33.98
N1 RBF B . -2.53 0.87 1.62
C2 RBF B . -3.37 1.41 2.52
O2 RBF B . -2.99 2.10 3.39
N3 RBF B . -4.66 1.13 2.41
C4 RBF B . -5.11 0.35 1.45
O4 RBF B . -6.26 0.14 1.39
C4A RBF B . -4.28 -0.19 0.55
N5 RBF B . -4.69 -0.96 -0.41
C5A RBF B . -3.85 -1.47 -1.27
C6 RBF B . -4.26 -2.29 -2.30
C7 RBF B . -3.34 -2.82 -3.19
C7M RBF B . -3.81 -3.71 -4.32
C8 RBF B . -2.02 -2.54 -3.05
C8M RBF B . -0.98 -3.08 -4.01
C9 RBF B . -1.63 -1.72 -2.03
C9A RBF B . -2.53 -1.19 -1.15
N10 RBF B . -2.11 -0.41 -0.19
C10 RBF B . -2.97 0.10 0.66
C1' RBF B . -0.71 -0.16 -0.10
C2' RBF B . -0.44 1.30 -0.08
O2' RBF B . 0.09 1.64 -1.32
C3' RBF B . 0.56 1.44 1.07
O3' RBF B . 0.29 2.48 1.95
C4' RBF B . 1.92 1.77 0.55
O4' RBF B . 2.11 0.78 -0.40
C5' RBF B . 2.85 1.62 1.74
O5' RBF B . 2.33 2.45 2.73
N1 RBF C . 3.28 -7.29 -18.55
C2 RBF C . 4.31 -6.96 -17.75
O2 RBF C . 5.42 -6.97 -18.16
N3 RBF C . 4.08 -6.62 -16.45
C4 RBF C . 2.85 -6.62 -15.98
O4 RBF C . 2.64 -6.33 -14.85
C4A RBF C . 1.81 -6.94 -16.80
N5 RBF C . 0.59 -6.94 -16.32
C5A RBF C . -0.42 -7.25 -17.09
C6 RBF C . -1.70 -7.23 -16.58
C7 RBF C . -2.76 -7.56 -17.40
C7M RBF C . -4.18 -7.56 -16.83
C8 RBF C . -2.55 -7.91 -18.72
C8M RBF C . -3.73 -8.28 -19.62
C9 RBF C . -1.26 -7.92 -19.23
C9A RBF C . -0.19 -7.59 -18.42
N10 RBF C . 1.04 -7.61 -18.91
C10 RBF C . 2.05 -7.28 -18.09
C1' RBF C . 1.28 -7.96 -20.30
C2' RBF C . 1.67 -9.42 -20.51
O2' RBF C . 3.04 -9.58 -20.22
C3' RBF C . 1.44 -9.75 -21.97
O3' RBF C . 0.15 -10.28 -22.13
C4' RBF C . 2.47 -10.78 -22.43
O4' RBF C . 3.74 -10.17 -22.46
C5' RBF C . 2.11 -11.28 -23.82
O5' RBF C . 2.90 -12.39 -24.14
#